data_3GP6
#
_entry.id   3GP6
#
_cell.length_a   113.228
_cell.length_b   113.228
_cell.length_c   55.064
_cell.angle_alpha   90.00
_cell.angle_beta   90.00
_cell.angle_gamma   120.00
#
_symmetry.space_group_name_H-M   'P 62 2 2'
#
loop_
_entity.id
_entity.type
_entity.pdbx_description
1 polymer 'Protein pagP'
2 non-polymer 'DODECYL SULFATE'
3 non-polymer (4S)-2-METHYL-2,4-PENTANEDIOL
4 non-polymer (4R)-2-METHYLPENTANE-2,4-DIOL
5 non-polymer 'SULFATE ION'
6 non-polymer 'LITHIUM ION'
7 water water
#
_entity_poly.entity_id   1
_entity_poly.type   'polypeptide(L)'
_entity_poly.pdbx_seq_one_letter_code
;MNADEWMTTFRENIAQTWQQPEHYDLYIPAITWHARFAYDKEKTDRYNERPWGGGFGLSRWDEKGNWHGLYAMAFKDSWN
KWEPIAGYGWESTWRPLADENFHLGLGFTAGVTARDNWNYIPLPVLLPLASVGYGPVTFQMTYIPGTYNNGNVYFAWMRF
QFL
;
_entity_poly.pdbx_strand_id   A
#
loop_
_chem_comp.id
_chem_comp.type
_chem_comp.name
_chem_comp.formula
LI non-polymer 'LITHIUM ION' 'Li 1'
MPD non-polymer (4S)-2-METHYL-2,4-PENTANEDIOL 'C6 H14 O2'
MRD non-polymer (4R)-2-METHYLPENTANE-2,4-DIOL 'C6 H14 O2'
SDS non-polymer 'DODECYL SULFATE' 'C12 H26 O4 S'
SO4 non-polymer 'SULFATE ION' 'O4 S -2'
#
# COMPACT_ATOMS: atom_id res chain seq x y z
N MET A 1 -13.57 -3.31 18.89
CA MET A 1 -12.60 -4.41 19.17
C MET A 1 -11.62 -3.97 20.24
N ASN A 2 -11.06 -4.94 20.98
CA ASN A 2 -10.09 -4.68 22.03
CA ASN A 2 -10.08 -4.68 22.04
C ASN A 2 -8.69 -4.32 21.50
N ALA A 3 -8.02 -3.35 22.12
CA ALA A 3 -6.74 -2.85 21.60
C ALA A 3 -5.56 -3.76 21.91
N ASP A 4 -5.61 -4.51 23.02
CA ASP A 4 -4.53 -5.45 23.30
C ASP A 4 -4.57 -6.55 22.23
N GLU A 5 -5.80 -6.97 21.97
CA GLU A 5 -6.05 -8.07 21.07
C GLU A 5 -5.70 -7.63 19.68
N TRP A 6 -6.20 -6.44 19.32
CA TRP A 6 -5.95 -5.84 17.99
C TRP A 6 -4.47 -5.77 17.75
N MET A 7 -3.73 -5.24 18.72
N MET A 7 -3.70 -5.22 18.70
CA MET A 7 -2.30 -5.11 18.56
CA MET A 7 -2.26 -5.10 18.51
C MET A 7 -1.62 -6.45 18.34
C MET A 7 -1.54 -6.44 18.38
N THR A 8 -1.90 -7.45 19.17
CA THR A 8 -1.29 -8.74 19.00
C THR A 8 -1.60 -9.34 17.62
N THR A 9 -2.83 -9.25 17.18
CA THR A 9 -3.21 -9.76 15.85
CA THR A 9 -3.16 -9.80 15.85
C THR A 9 -2.49 -9.04 14.72
N PHE A 10 -2.38 -7.72 14.83
CA PHE A 10 -1.61 -6.90 13.84
C PHE A 10 -0.17 -7.32 13.80
N ARG A 11 0.49 -7.40 14.97
CA ARG A 11 1.90 -7.79 15.09
CA ARG A 11 1.88 -7.73 14.97
C ARG A 11 2.12 -9.18 14.50
N GLU A 12 1.18 -10.09 14.78
CA GLU A 12 1.31 -11.46 14.32
CA GLU A 12 1.16 -11.46 14.32
C GLU A 12 1.14 -11.53 12.80
N ASN A 13 0.20 -10.73 12.25
CA ASN A 13 0.01 -10.63 10.77
C ASN A 13 1.23 -10.07 10.05
N ILE A 14 1.91 -9.10 10.64
CA ILE A 14 3.21 -8.61 10.16
C ILE A 14 4.28 -9.70 10.22
N ALA A 15 4.40 -10.34 11.42
CA ALA A 15 5.46 -11.36 11.55
C ALA A 15 5.27 -12.53 10.59
N GLN A 16 4.05 -12.94 10.28
CA GLN A 16 3.82 -14.04 9.39
C GLN A 16 4.17 -13.64 7.91
N THR A 17 4.01 -12.37 7.57
CA THR A 17 4.32 -11.92 6.21
C THR A 17 5.82 -11.89 6.04
N TRP A 18 6.62 -11.66 7.13
CA TRP A 18 8.05 -11.60 7.01
C TRP A 18 8.62 -13.02 7.02
N GLN A 19 8.05 -13.85 7.87
CA GLN A 19 8.59 -15.17 8.13
C GLN A 19 8.11 -16.25 7.19
N GLN A 20 6.85 -16.13 6.76
CA GLN A 20 6.20 -17.11 5.92
C GLN A 20 5.60 -16.38 4.71
N PRO A 21 6.41 -15.60 4.03
CA PRO A 21 5.79 -14.89 2.86
C PRO A 21 5.45 -15.90 1.75
N GLU A 22 4.57 -15.51 0.81
CA GLU A 22 4.13 -16.41 -0.27
C GLU A 22 4.71 -16.01 -1.61
N HIS A 23 4.80 -14.70 -1.80
CA HIS A 23 5.24 -14.18 -3.11
C HIS A 23 6.07 -12.96 -2.91
N TYR A 24 6.71 -12.50 -4.00
CA TYR A 24 7.32 -11.19 -4.08
C TYR A 24 6.44 -10.29 -4.99
N ASP A 25 6.61 -9.00 -4.76
CA ASP A 25 5.97 -8.02 -5.64
C ASP A 25 7.01 -6.99 -6.08
N LEU A 26 6.82 -6.53 -7.32
CA LEU A 26 7.46 -5.37 -7.91
C LEU A 26 6.42 -4.25 -7.89
N TYR A 27 6.78 -3.08 -7.34
CA TYR A 27 5.89 -1.92 -7.23
C TYR A 27 6.41 -0.86 -8.24
N ILE A 28 5.55 -0.36 -9.11
CA ILE A 28 5.90 0.63 -10.18
CA ILE A 28 5.92 0.72 -10.03
C ILE A 28 4.91 1.83 -10.00
N PRO A 29 5.33 2.95 -9.35
CA PRO A 29 4.46 4.09 -9.31
C PRO A 29 3.93 4.39 -10.67
N ALA A 30 2.64 4.68 -10.69
CA ALA A 30 1.83 4.86 -11.96
C ALA A 30 1.26 6.22 -12.18
N ILE A 31 0.53 6.78 -11.24
CA ILE A 31 -0.24 8.03 -11.50
CA ILE A 31 -0.21 8.02 -11.50
C ILE A 31 -0.67 8.64 -10.19
N THR A 32 -0.77 9.93 -10.14
CA THR A 32 -1.39 10.64 -9.03
CA THR A 32 -1.37 10.60 -9.06
C THR A 32 -2.52 11.48 -9.62
N TRP A 33 -3.55 11.71 -8.81
CA TRP A 33 -4.63 12.63 -9.25
C TRP A 33 -5.27 13.25 -8.07
N HIS A 34 -5.94 14.39 -8.27
CA HIS A 34 -6.63 15.02 -7.11
C HIS A 34 -8.07 14.59 -7.05
N ALA A 35 -8.59 14.52 -5.84
CA ALA A 35 -9.95 14.07 -5.62
C ALA A 35 -10.96 15.13 -6.07
N ARG A 36 -10.55 16.39 -5.98
CA ARG A 36 -11.47 17.52 -6.20
C ARG A 36 -10.96 18.37 -7.32
N PHE A 37 -10.99 17.80 -8.54
CA PHE A 37 -10.87 18.56 -9.77
C PHE A 37 -11.95 19.65 -9.77
N ALA A 38 -11.68 20.72 -10.53
CA ALA A 38 -12.16 22.10 -10.28
C ALA A 38 -13.40 22.25 -9.40
N TYR A 47 -6.63 14.68 -13.46
CA TYR A 47 -5.30 14.92 -12.93
C TYR A 47 -4.42 13.69 -13.26
N ASN A 48 -3.10 13.85 -13.33
CA ASN A 48 -2.29 12.80 -13.98
C ASN A 48 -0.78 12.86 -13.93
N GLU A 49 -0.15 13.50 -12.95
CA GLU A 49 1.30 13.37 -12.74
C GLU A 49 1.67 11.88 -12.64
N ARG A 50 2.93 11.57 -12.96
CA ARG A 50 3.39 10.19 -13.18
C ARG A 50 4.76 10.02 -12.47
N PRO A 51 4.77 9.58 -11.20
CA PRO A 51 6.01 9.54 -10.44
C PRO A 51 7.03 8.47 -10.88
N TRP A 52 8.26 8.83 -10.76
CA TRP A 52 9.31 7.98 -11.13
C TRP A 52 9.67 7.22 -9.83
N GLY A 53 10.00 5.95 -9.93
CA GLY A 53 10.48 5.18 -8.78
C GLY A 53 10.07 3.75 -8.90
N GLY A 54 10.14 3.09 -7.74
CA GLY A 54 9.93 1.67 -7.76
C GLY A 54 10.14 1.07 -6.38
N GLY A 55 9.67 -0.15 -6.25
CA GLY A 55 9.90 -0.81 -5.00
C GLY A 55 9.71 -2.29 -5.09
N PHE A 56 9.93 -2.97 -3.94
CA PHE A 56 9.85 -4.41 -3.90
C PHE A 56 9.23 -4.78 -2.57
N GLY A 57 8.59 -5.93 -2.59
CA GLY A 57 8.00 -6.42 -1.31
C GLY A 57 7.77 -7.92 -1.30
N LEU A 58 7.32 -8.35 -0.08
CA LEU A 58 6.87 -9.68 0.23
C LEU A 58 5.37 -9.63 0.39
N SER A 59 4.66 -10.71 0.06
CA SER A 59 3.23 -10.69 0.34
C SER A 59 2.65 -12.06 0.50
N ARG A 60 1.40 -12.11 0.95
CA ARG A 60 0.70 -13.38 1.04
C ARG A 60 -0.79 -13.07 0.93
N TRP A 61 -1.59 -14.06 0.51
CA TRP A 61 -3.06 -14.05 0.62
C TRP A 61 -3.44 -15.01 1.75
N ASP A 62 -4.16 -14.51 2.74
CA ASP A 62 -4.36 -15.35 3.93
C ASP A 62 -5.52 -16.33 3.76
N GLU A 63 -5.79 -17.09 4.85
CA GLU A 63 -6.91 -18.01 4.79
C GLU A 63 -8.29 -17.42 4.54
N LYS A 64 -8.48 -16.15 4.83
CA LYS A 64 -9.70 -15.45 4.56
C LYS A 64 -9.73 -14.84 3.19
N GLY A 65 -8.62 -14.99 2.47
CA GLY A 65 -8.51 -14.44 1.11
C GLY A 65 -8.01 -13.00 1.08
N ASN A 66 -7.52 -12.50 2.19
CA ASN A 66 -7.14 -11.11 2.35
C ASN A 66 -5.64 -10.94 2.11
N TRP A 67 -5.31 -9.76 1.61
CA TRP A 67 -3.90 -9.48 1.25
C TRP A 67 -3.07 -8.89 2.39
N HIS A 68 -1.80 -9.35 2.52
CA HIS A 68 -0.84 -8.74 3.41
C HIS A 68 0.45 -8.52 2.61
N GLY A 69 1.11 -7.37 2.82
CA GLY A 69 2.34 -7.07 2.14
C GLY A 69 3.28 -6.36 3.10
N LEU A 70 4.57 -6.56 2.90
CA LEU A 70 5.64 -5.76 3.49
C LEU A 70 6.44 -5.23 2.30
N TYR A 71 6.68 -3.94 2.33
CA TYR A 71 7.25 -3.32 1.13
C TYR A 71 8.30 -2.25 1.49
N ALA A 72 9.12 -1.95 0.47
CA ALA A 72 10.07 -0.83 0.50
C ALA A 72 10.08 -0.23 -0.90
N MET A 73 9.82 1.05 -0.93
CA MET A 73 9.69 1.79 -2.21
CA MET A 73 9.85 1.72 -2.24
C MET A 73 10.39 3.14 -2.14
N ALA A 74 10.74 3.70 -3.29
CA ALA A 74 11.16 5.07 -3.32
C ALA A 74 10.63 5.70 -4.61
N PHE A 75 10.20 6.94 -4.48
CA PHE A 75 9.63 7.67 -5.61
C PHE A 75 10.05 9.12 -5.50
N LYS A 76 9.94 9.83 -6.61
CA LYS A 76 10.18 11.27 -6.60
C LYS A 76 8.91 11.94 -6.08
N ASP A 77 9.05 12.82 -5.11
CA ASP A 77 7.91 13.48 -4.51
C ASP A 77 7.55 14.75 -5.32
N SER A 78 6.63 15.55 -4.79
CA SER A 78 6.14 16.69 -5.58
C SER A 78 7.14 17.83 -5.66
N TRP A 79 8.30 17.72 -5.04
CA TRP A 79 9.39 18.65 -5.32
C TRP A 79 10.52 17.96 -6.07
N ASN A 80 10.19 16.82 -6.67
CA ASN A 80 11.15 16.01 -7.37
C ASN A 80 12.37 15.61 -6.53
N LYS A 81 12.11 15.28 -5.27
CA LYS A 81 13.15 14.78 -4.39
C LYS A 81 12.77 13.35 -4.04
N TRP A 82 13.74 12.49 -3.95
CA TRP A 82 13.48 11.07 -3.54
C TRP A 82 12.83 11.03 -2.21
N GLU A 83 11.84 10.17 -2.19
CA GLU A 83 11.01 9.89 -0.95
C GLU A 83 10.99 8.38 -0.75
N PRO A 84 11.73 7.84 0.27
CA PRO A 84 11.67 6.39 0.57
C PRO A 84 10.49 6.14 1.48
N ILE A 85 9.94 4.92 1.40
CA ILE A 85 8.94 4.50 2.37
C ILE A 85 9.04 3.01 2.52
N ALA A 86 8.81 2.54 3.76
CA ALA A 86 8.68 1.08 4.00
C ALA A 86 7.52 0.87 4.95
N GLY A 87 6.84 -0.26 4.80
CA GLY A 87 5.75 -0.52 5.70
C GLY A 87 5.09 -1.84 5.47
N TYR A 88 3.90 -1.93 6.07
CA TYR A 88 2.96 -3.08 6.03
C TYR A 88 1.67 -2.57 5.34
N GLY A 89 1.08 -3.42 4.52
CA GLY A 89 -0.21 -3.17 3.94
C GLY A 89 -1.13 -4.37 4.14
N TRP A 90 -2.40 -4.07 4.30
CA TRP A 90 -3.44 -5.12 4.39
C TRP A 90 -4.65 -4.64 3.56
N GLU A 91 -5.31 -5.60 2.89
CA GLU A 91 -6.60 -5.35 2.30
C GLU A 91 -7.56 -6.49 2.57
N SER A 92 -8.78 -6.10 2.95
CA SER A 92 -9.94 -6.95 2.86
C SER A 92 -10.26 -7.16 1.41
N THR A 93 -10.34 -8.41 0.98
CA THR A 93 -10.38 -8.71 -0.47
C THR A 93 -11.69 -9.43 -0.87
N TRP A 94 -12.26 -9.04 -1.99
CA TRP A 94 -13.40 -9.72 -2.54
C TRP A 94 -13.07 -10.24 -3.96
N ARG A 95 -13.60 -11.42 -4.27
CA ARG A 95 -13.52 -11.99 -5.61
CA ARG A 95 -13.49 -12.04 -5.60
C ARG A 95 -14.93 -12.32 -6.10
N PRO A 96 -15.61 -11.28 -6.65
CA PRO A 96 -17.04 -11.34 -6.93
C PRO A 96 -17.50 -11.93 -8.25
N LEU A 97 -16.58 -12.15 -9.17
CA LEU A 97 -16.94 -12.61 -10.49
C LEU A 97 -16.69 -14.07 -10.70
N ALA A 98 -17.27 -14.58 -11.81
CA ALA A 98 -17.18 -15.99 -12.15
C ALA A 98 -15.77 -16.45 -12.32
N ASP A 99 -14.91 -15.54 -12.75
CA ASP A 99 -13.50 -15.84 -12.80
C ASP A 99 -12.89 -15.29 -11.51
N GLU A 100 -12.47 -16.23 -10.66
CA GLU A 100 -12.00 -15.91 -9.31
C GLU A 100 -10.68 -15.13 -9.33
N ASN A 101 -10.06 -14.97 -10.51
CA ASN A 101 -8.77 -14.23 -10.60
C ASN A 101 -8.98 -12.73 -10.40
N PHE A 102 -10.18 -12.21 -10.65
CA PHE A 102 -10.45 -10.81 -10.39
C PHE A 102 -10.55 -10.59 -8.90
N HIS A 103 -9.87 -9.59 -8.42
CA HIS A 103 -9.89 -9.27 -7.00
C HIS A 103 -10.01 -7.77 -6.78
N LEU A 104 -10.73 -7.35 -5.72
CA LEU A 104 -10.99 -5.96 -5.36
C LEU A 104 -10.62 -5.90 -3.87
N GLY A 105 -10.00 -4.81 -3.42
CA GLY A 105 -9.65 -4.73 -2.00
C GLY A 105 -9.68 -3.33 -1.42
N LEU A 106 -9.81 -3.33 -0.08
CA LEU A 106 -9.84 -2.13 0.67
CA LEU A 106 -9.88 -2.10 0.75
C LEU A 106 -9.17 -2.40 2.03
N GLY A 107 -8.31 -1.48 2.46
CA GLY A 107 -7.57 -1.73 3.68
C GLY A 107 -6.76 -0.52 4.10
N PHE A 108 -5.52 -0.75 4.55
CA PHE A 108 -4.67 0.32 5.05
C PHE A 108 -3.23 -0.09 4.98
N THR A 109 -2.37 0.92 5.11
CA THR A 109 -0.94 0.69 5.26
C THR A 109 -0.46 1.48 6.51
N ALA A 110 0.49 0.88 7.26
CA ALA A 110 1.22 1.51 8.33
C ALA A 110 2.70 1.42 8.02
N GLY A 111 3.42 2.53 8.15
CA GLY A 111 4.81 2.50 7.83
C GLY A 111 5.54 3.77 8.21
N VAL A 112 6.70 3.97 7.58
CA VAL A 112 7.53 5.12 7.88
C VAL A 112 8.04 5.65 6.52
N THR A 113 8.06 6.96 6.42
CA THR A 113 8.60 7.63 5.21
C THR A 113 9.50 8.76 5.66
N ALA A 114 10.18 9.39 4.68
CA ALA A 114 11.04 10.49 5.02
C ALA A 114 11.07 11.40 3.80
N ARG A 115 11.10 12.71 4.02
CA ARG A 115 11.14 13.66 2.89
C ARG A 115 12.17 14.74 3.08
N ASP A 116 12.63 15.24 1.94
CA ASP A 116 13.62 16.32 1.94
C ASP A 116 13.11 17.59 2.64
N ASN A 117 11.81 17.87 2.54
CA ASN A 117 11.22 19.05 3.16
C ASN A 117 11.60 19.18 4.61
N TRP A 118 11.69 18.04 5.31
CA TRP A 118 12.00 18.03 6.74
C TRP A 118 13.29 17.26 6.98
N ASN A 119 14.27 17.46 6.09
CA ASN A 119 15.58 16.93 6.29
C ASN A 119 15.63 15.42 6.54
N TYR A 120 14.69 14.72 5.90
CA TYR A 120 14.64 13.29 5.91
C TYR A 120 14.48 12.74 7.32
N ILE A 121 13.91 13.52 8.22
CA ILE A 121 13.51 12.92 9.53
C ILE A 121 12.37 11.89 9.25
N PRO A 122 12.41 10.72 9.88
CA PRO A 122 11.40 9.74 9.64
C PRO A 122 10.03 10.21 10.16
N LEU A 123 8.99 9.87 9.40
CA LEU A 123 7.62 10.27 9.64
C LEU A 123 6.75 9.02 9.65
N PRO A 124 5.83 8.90 10.64
CA PRO A 124 4.94 7.73 10.67
C PRO A 124 3.82 7.94 9.62
N VAL A 125 3.41 6.82 9.03
CA VAL A 125 2.44 6.79 7.96
C VAL A 125 1.30 5.81 8.34
N LEU A 126 0.09 6.29 8.28
CA LEU A 126 -1.15 5.50 8.39
C LEU A 126 -2.15 6.00 7.35
N LEU A 127 -2.36 5.22 6.28
CA LEU A 127 -3.18 5.65 5.15
C LEU A 127 -4.04 4.54 4.65
N PRO A 128 -5.15 4.88 3.97
CA PRO A 128 -6.06 3.88 3.41
C PRO A 128 -5.48 3.29 2.12
N LEU A 129 -5.89 2.07 1.78
CA LEU A 129 -5.49 1.38 0.52
C LEU A 129 -6.71 0.88 -0.19
N ALA A 130 -6.65 0.85 -1.52
CA ALA A 130 -7.66 0.20 -2.33
C ALA A 130 -6.97 -0.43 -3.52
N SER A 131 -7.52 -1.48 -4.06
CA SER A 131 -6.95 -2.13 -5.23
C SER A 131 -7.95 -2.87 -6.08
N VAL A 132 -7.56 -3.00 -7.36
CA VAL A 132 -8.24 -3.87 -8.29
C VAL A 132 -7.22 -4.60 -9.11
N GLY A 133 -7.41 -5.88 -9.34
CA GLY A 133 -6.42 -6.65 -10.08
C GLY A 133 -6.99 -7.93 -10.69
N TYR A 134 -6.17 -8.57 -11.53
CA TYR A 134 -6.43 -9.87 -12.11
C TYR A 134 -5.22 -10.71 -11.83
N GLY A 135 -5.35 -11.74 -10.98
CA GLY A 135 -4.24 -12.59 -10.74
C GLY A 135 -3.07 -11.80 -10.15
N PRO A 136 -1.91 -11.93 -10.76
CA PRO A 136 -0.69 -11.28 -10.27
C PRO A 136 -0.49 -9.83 -10.65
N VAL A 137 -1.48 -9.27 -11.36
CA VAL A 137 -1.37 -7.89 -11.79
C VAL A 137 -2.41 -7.05 -11.08
N THR A 138 -1.96 -6.06 -10.31
CA THR A 138 -2.86 -5.23 -9.53
C THR A 138 -2.57 -3.73 -9.61
N PHE A 139 -3.62 -2.94 -9.80
CA PHE A 139 -3.57 -1.50 -9.64
C PHE A 139 -4.03 -1.15 -8.22
N GLN A 140 -3.10 -0.61 -7.43
CA GLN A 140 -3.32 -0.37 -6.03
C GLN A 140 -2.99 1.09 -5.73
N MET A 141 -3.68 1.66 -4.76
CA MET A 141 -3.64 3.07 -4.47
C MET A 141 -3.83 3.42 -3.03
N THR A 142 -3.38 4.61 -2.67
CA THR A 142 -3.69 5.25 -1.42
C THR A 142 -4.30 6.64 -1.66
N TYR A 143 -4.81 7.20 -0.59
CA TYR A 143 -5.33 8.53 -0.55
C TYR A 143 -4.67 9.27 0.59
N ILE A 144 -4.12 10.45 0.30
CA ILE A 144 -3.49 11.28 1.34
C ILE A 144 -4.44 12.38 1.80
N PRO A 145 -5.06 12.24 2.96
CA PRO A 145 -6.06 13.22 3.45
C PRO A 145 -5.47 14.59 3.76
N GLY A 146 -6.27 15.65 3.53
CA GLY A 146 -5.82 16.99 3.82
C GLY A 146 -6.72 17.94 3.06
N THR A 147 -6.85 19.15 3.58
CA THR A 147 -7.78 20.17 3.09
C THR A 147 -6.86 21.34 2.97
N TYR A 148 -6.48 21.62 1.72
CA TYR A 148 -5.60 22.71 1.34
C TYR A 148 -4.17 22.20 1.26
N ASN A 149 -3.67 22.00 0.05
CA ASN A 149 -2.25 21.72 -0.22
C ASN A 149 -1.67 20.47 0.44
N ASN A 150 -2.17 20.14 1.63
CA ASN A 150 -1.71 19.01 2.45
C ASN A 150 -1.86 17.68 1.72
N GLY A 151 -3.01 17.51 1.07
CA GLY A 151 -3.36 16.22 0.52
C GLY A 151 -4.47 16.30 -0.51
N ASN A 152 -5.56 15.61 -0.23
CA ASN A 152 -6.65 15.41 -1.19
C ASN A 152 -6.12 14.86 -2.52
N VAL A 153 -5.20 13.91 -2.45
CA VAL A 153 -4.62 13.33 -3.59
C VAL A 153 -4.56 11.85 -3.47
N TYR A 154 -4.76 11.21 -4.61
CA TYR A 154 -4.56 9.76 -4.79
C TYR A 154 -3.25 9.47 -5.42
N PHE A 155 -2.60 8.41 -4.95
CA PHE A 155 -1.39 7.97 -5.53
C PHE A 155 -1.54 6.48 -5.82
N ALA A 156 -1.31 6.05 -7.05
CA ALA A 156 -1.46 4.66 -7.50
C ALA A 156 -0.18 4.13 -8.08
N TRP A 157 -0.04 2.82 -7.98
CA TRP A 157 1.09 2.03 -8.47
C TRP A 157 0.57 0.75 -9.12
N MET A 158 1.29 0.16 -10.05
CA MET A 158 1.08 -1.19 -10.43
C MET A 158 1.88 -2.05 -9.45
N ARG A 159 1.33 -3.19 -9.09
CA ARG A 159 2.00 -4.18 -8.26
C ARG A 159 1.96 -5.50 -9.03
N PHE A 160 3.14 -6.01 -9.37
CA PHE A 160 3.33 -7.24 -10.09
C PHE A 160 3.87 -8.33 -9.11
N GLN A 161 3.00 -9.29 -8.92
CA GLN A 161 3.34 -10.42 -8.06
C GLN A 161 4.09 -11.43 -8.85
N PHE A 162 5.17 -11.92 -8.25
CA PHE A 162 5.97 -12.96 -8.84
C PHE A 162 6.50 -13.97 -7.86
N LEU A 163 6.71 -15.16 -8.39
CA LEU A 163 7.13 -16.29 -7.59
C LEU A 163 6.18 -16.42 -6.45
S SDS B . 3.06 13.86 2.69
O1S SDS B . 4.31 14.26 3.24
O2S SDS B . 2.79 12.43 3.27
O3S SDS B . 1.95 14.66 3.11
O4 SDS B . 3.05 13.72 1.23
C1 SDS B . 3.35 11.32 2.46
C2 SDS B . 1.23 -1.36 -0.15
C3 SDS B . 2.09 -0.15 -0.62
C4 SDS B . 1.71 1.16 0.00
C5 SDS B . 2.45 2.40 -0.47
C6 SDS B . 2.05 3.66 0.22
C7 SDS B . 2.67 4.95 -0.33
C8 SDS B . 2.39 6.21 0.51
C9 SDS B . 3.27 7.41 0.08
C10 SDS B . 2.96 8.72 0.82
C11 SDS B . 3.45 8.83 2.23
C12 SDS B . 2.90 10.03 3.02
S SDS C . 9.45 -10.52 13.23
O1S SDS C . 10.74 -11.05 13.63
O2S SDS C . 9.87 -9.39 12.23
O3S SDS C . 8.66 -11.46 12.45
O4 SDS C . 8.69 -9.90 14.27
C1 SDS C . 8.91 -8.29 12.02
C2 SDS C . 11.26 -5.89 1.30
C3 SDS C . 10.40 -5.48 2.45
C4 SDS C . 10.98 -4.57 3.50
C5 SDS C . 9.89 -4.19 4.46
C6 SDS C . 10.24 -3.46 5.74
C7 SDS C . 10.92 -4.33 6.80
C8 SDS C . 10.01 -5.29 7.55
C9 SDS C . 10.69 -5.65 8.85
C10 SDS C . 10.28 -6.93 9.54
C11 SDS C . 8.81 -7.04 9.82
C12 SDS C . 8.54 -8.33 10.59
S SDS D . -18.91 -10.45 -3.18
O1S SDS D . -17.47 -10.54 -3.32
O2S SDS D . -19.41 -8.96 -3.26
O3S SDS D . -19.64 -11.22 -4.15
O4 SDS D . -19.35 -10.78 -1.85
C1 SDS D . -18.96 -8.05 -4.34
C2 SDS D . -10.22 0.36 -6.98
C3 SDS D . -11.60 0.08 -6.35
C4 SDS D . -11.66 -0.76 -5.10
C5 SDS D . -13.10 -1.00 -4.68
C6 SDS D . -13.13 -1.78 -3.39
C7 SDS D . -14.48 -2.14 -2.83
C8 SDS D . -14.88 -3.52 -3.26
C9 SDS D . -16.22 -4.02 -2.72
C10 SDS D . -16.59 -5.22 -3.55
C11 SDS D . -17.71 -6.14 -3.09
C12 SDS D . -17.67 -7.41 -3.92
S SDS E . -8.34 -5.76 -13.71
O1S SDS E . -8.54 -6.32 -15.03
O2S SDS E . -6.80 -5.34 -13.68
O3S SDS E . -9.12 -4.59 -13.42
O4 SDS E . -8.55 -6.78 -12.72
C1 SDS E . -6.05 -5.50 -14.98
C2 SDS E . -3.41 -15.62 -13.55
C3 SDS E . -2.65 -15.88 -14.85
C4 SDS E . -1.40 -15.04 -15.10
C5 SDS E . -1.62 -13.52 -15.00
C6 SDS E . -1.72 -12.65 -16.26
C7 SDS E . -2.88 -11.69 -16.13
C8 SDS E . -2.81 -10.36 -16.90
C9 SDS E . -3.81 -9.39 -16.32
C10 SDS E . -3.73 -7.99 -16.88
C11 SDS E . -4.83 -7.01 -16.54
C12 SDS E . -4.98 -6.54 -15.13
S SDS F . 17.31 9.65 -11.42
O1S SDS F . 16.93 8.41 -12.04
O2S SDS F . 18.55 9.26 -10.56
O3S SDS F . 17.79 10.64 -12.34
O4 SDS F . 16.33 10.18 -10.50
C1 SDS F . 18.89 10.09 -9.37
C2 SDS F . 16.60 9.05 -0.01
C3 SDS F . 16.93 8.18 -1.23
C4 SDS F . 15.98 7.02 -1.48
C5 SDS F . 16.51 6.04 -2.53
C6 SDS F . 16.31 6.53 -3.96
C7 SDS F . 17.09 5.77 -5.03
C8 SDS F . 18.39 6.47 -5.40
C9 SDS F . 19.06 6.01 -6.67
C10 SDS F . 20.00 7.08 -7.25
C11 SDS F . 19.38 7.86 -8.40
C12 SDS F . 19.84 9.31 -8.51
C1 SDS G . -9.52 2.61 5.27
C2 SDS G . -11.97 -7.97 8.30
C3 SDS G . -12.56 -7.59 6.94
C4 SDS G . -13.66 -6.53 7.01
C5 SDS G . -13.78 -5.58 5.81
C6 SDS G . -13.54 -4.11 6.16
C7 SDS G . -12.39 -3.46 5.37
C8 SDS G . -12.69 -2.01 5.07
C9 SDS G . -11.42 -1.19 5.04
C10 SDS G . -10.79 -0.86 6.39
C11 SDS G . -10.26 0.57 6.47
C12 SDS G . -10.27 1.33 5.13
C1 MPD H . -17.50 -13.33 -17.16
C2 MPD H . -16.84 -12.22 -16.35
O2 MPD H . -17.76 -11.45 -15.54
CM MPD H . -15.85 -12.84 -15.41
C3 MPD H . -16.13 -11.24 -17.28
C4 MPD H . -16.94 -10.20 -18.00
O4 MPD H . -17.83 -9.47 -17.18
C5 MPD H . -16.04 -9.19 -18.68
C1 MPD I . 5.31 -1.12 10.06
C2 MPD I . 6.61 -1.89 10.00
O2 MPD I . 7.09 -1.78 11.37
CM MPD I . 6.28 -3.34 9.66
C3 MPD I . 7.69 -1.48 9.03
C4 MPD I . 8.26 -0.10 9.12
O4 MPD I . 8.57 0.22 10.41
C5 MPD I . 9.55 0.08 8.36
C1 MPD J . 8.19 -15.10 -1.31
C2 MPD J . 8.90 -16.44 -1.01
O2 MPD J . 7.78 -17.26 -0.55
CM MPD J . 9.86 -16.31 0.17
C3 MPD J . 9.78 -17.15 -2.12
C4 MPD J . 9.04 -18.19 -2.95
O4 MPD J . 7.64 -18.23 -3.02
C5 MPD J . 9.66 -18.42 -4.28
C1 MPD K . -1.31 9.57 10.84
C2 MPD K . -0.61 9.32 12.17
O2 MPD K . 0.31 8.21 12.04
CM MPD K . 0.24 10.52 12.51
C3 MPD K . -1.57 8.97 13.30
C4 MPD K . -3.01 9.53 13.25
O4 MPD K . -3.92 8.51 12.88
C5 MPD K . -3.45 9.99 14.63
C1 MPD L . 15.75 -0.05 -2.70
C2 MPD L . 14.24 0.10 -2.80
O2 MPD L . 13.98 0.55 -4.15
CM MPD L . 13.64 -1.30 -2.73
C3 MPD L . 13.60 1.09 -1.80
C4 MPD L . 14.51 1.78 -0.79
O4 MPD L . 13.76 2.69 -0.03
C5 MPD L . 15.13 0.83 0.23
C1 MPD M . 3.75 19.19 10.42
C2 MPD M . 4.21 18.26 9.30
O2 MPD M . 3.48 17.03 9.43
CM MPD M . 3.81 18.92 7.97
C3 MPD M . 5.68 17.89 9.23
C4 MPD M . 6.18 17.01 10.37
O4 MPD M . 5.28 15.92 10.56
C5 MPD M . 7.60 16.56 10.12
C1 MPD N . -13.18 -17.45 -17.65
C2 MPD N . -14.44 -18.08 -17.05
O2 MPD N . -14.35 -19.52 -17.16
CM MPD N . -14.52 -17.71 -15.58
C3 MPD N . -15.67 -17.65 -17.83
C4 MPD N . -16.90 -18.56 -17.69
O4 MPD N . -16.76 -19.79 -18.37
C5 MPD N . -17.33 -18.81 -16.26
C1 MPD O . 13.01 6.71 7.79
C2 MPD O . 13.33 6.03 6.47
O2 MPD O . 12.08 5.80 5.76
CM MPD O . 14.23 6.95 5.66
C3 MPD O . 14.01 4.68 6.68
C4 MPD O . 13.42 3.63 5.75
O4 MPD O . 12.56 4.26 4.80
C5 MPD O . 14.58 2.84 5.08
C1 MPD P . 14.42 -6.24 8.56
C2 MPD P . 14.92 -7.03 9.77
O2 MPD P . 15.30 -6.07 10.80
CM MPD P . 16.15 -7.83 9.37
C3 MPD P . 13.85 -7.92 10.36
C4 MPD P . 14.39 -8.87 11.43
O4 MPD P . 15.12 -8.11 12.39
C5 MPD P . 13.31 -9.65 12.17
C1 MRD Q . -4.69 -7.22 11.98
C2 MRD Q . -4.60 -6.93 10.50
O2 MRD Q . -3.37 -7.55 10.14
CM MRD Q . -4.40 -5.46 10.20
C3 MRD Q . -5.85 -7.47 9.83
C4 MRD Q . -7.12 -7.09 10.63
O4 MRD Q . -7.30 -7.96 11.73
C5 MRD Q . -8.41 -7.20 9.83
S SO4 R . -6.67 4.54 7.72
O1 SO4 R . -6.60 5.98 7.50
O2 SO4 R . -7.14 4.28 9.08
O3 SO4 R . -7.61 3.91 6.80
O4 SO4 R . -5.35 3.96 7.56
S SO4 S . 14.03 3.13 -6.86
O1 SO4 S . 13.91 3.18 -8.32
O2 SO4 S . 13.10 4.08 -6.28
O3 SO4 S . 13.68 1.78 -6.42
O4 SO4 S . 15.38 3.42 -6.40
S SO4 T . 2.97 11.96 -3.68
O1 SO4 T . 1.68 12.62 -3.94
O2 SO4 T . 2.86 11.19 -2.43
O3 SO4 T . 3.27 11.07 -4.79
O4 SO4 T . 4.01 12.98 -3.54
S SO4 U . 12.69 -13.66 5.72
O1 SO4 U . 12.19 -12.67 4.77
O2 SO4 U . 12.63 -13.11 7.06
O3 SO4 U . 11.90 -14.88 5.65
O4 SO4 U . 14.09 -13.94 5.39
S SO4 V . -9.76 8.05 5.03
O1 SO4 V . -9.85 9.05 3.97
O2 SO4 V . -10.75 8.34 6.07
O3 SO4 V . -10.06 6.72 4.47
O4 SO4 V . -8.43 8.09 5.61
S SO4 W . 13.74 -13.79 1.14
O1 SO4 W . 14.20 -12.76 2.06
O2 SO4 W . 14.35 -15.06 1.55
O3 SO4 W . 12.29 -13.91 1.25
O4 SO4 W . 14.16 -13.45 -0.22
LI LI X . 5.93 -17.65 -3.91
LI LI Y . 0.70 -17.75 2.86
#